data_5RHO
#
_entry.id   5RHO
#
_cell.length_a   53.590
_cell.length_b   69.330
_cell.length_c   57.080
_cell.angle_alpha   90.000
_cell.angle_beta   92.120
_cell.angle_gamma   90.000
#
_symmetry.space_group_name_H-M   'P 1 21 1'
#
loop_
_entity.id
_entity.type
_entity.pdbx_description
1 polymer 'NS3 Helicase'
2 non-polymer 1,2-ETHANEDIOL
3 non-polymer 'PHOSPHATE ION'
4 non-polymer (4S)-2-METHYL-2,4-PENTANEDIOL
5 non-polymer '[2-(acetylamino)phenyl]acetic acid'
6 water water
#
_entity_poly.entity_id   1
_entity_poly.type   'polypeptide(L)'
_entity_poly.pdbx_seq_one_letter_code
;MLKKKQLTVLDLHPGAGKTRRVLPEIVREAIKKRLRTVILAPTRVVAAEMEEALRGLPVRYMTTAVNVTHSGTEIVDLMC
HATFTSRLLQPIRVPNYNLNIMDEAHFTDPSSIAARGYISTRVEMGEAAAIFMTATPPGTRDAFPDSNSPIMDTEVEVPE
RAWSSGFDWVTDHSGKTVWFVPSVRNGNEIAACLTKAGKRVIQLSRKTFETEFQKTKNQEWDFVITTDISEMGANFKADR
VIDSRRCLKPVILDGERVILAGPMPVTHASAAQRRGRIGRNPNKPGDEYMYGGGCAETDEGHAHWLEARMLLDNIYLQDG
LIASLYRPEADKVAAIEGEFKLRTEQRKTFVELMKRGDLPVWLAYQVASAGITYTDRRWCFDGTTNNTIMEDSVPAEVWT
KYGEKRVLKPRWMDARVCSDHAALKSFKEFAAGKR
;
_entity_poly.pdbx_strand_id   A
#
loop_
_chem_comp.id
_chem_comp.type
_chem_comp.name
_chem_comp.formula
EDO non-polymer 1,2-ETHANEDIOL 'C2 H6 O2'
MPD non-polymer (4S)-2-METHYL-2,4-PENTANEDIOL 'C6 H14 O2'
PO4 non-polymer 'PHOSPHATE ION' 'O4 P -3'
UQV non-polymer '[2-(acetylamino)phenyl]acetic acid' 'C10 H11 N O3'
#
# COMPACT_ATOMS: atom_id res chain seq x y z
N MET A 1 -27.28 5.26 0.90
CA MET A 1 -25.93 4.65 1.14
C MET A 1 -25.83 4.09 2.58
N LEU A 2 -26.52 4.71 3.54
CA LEU A 2 -26.17 4.56 4.98
C LEU A 2 -26.90 3.36 5.62
N LYS A 3 -27.81 2.68 4.88
CA LYS A 3 -28.67 1.56 5.36
C LYS A 3 -27.88 0.26 5.55
N LYS A 4 -28.16 -0.44 6.65
CA LYS A 4 -27.55 -1.75 6.95
C LYS A 4 -27.67 -2.61 5.69
N LYS A 5 -26.69 -3.49 5.50
CA LYS A 5 -26.61 -4.48 4.39
C LYS A 5 -26.25 -3.77 3.09
N GLN A 6 -25.90 -2.48 3.08
CA GLN A 6 -25.54 -1.86 1.77
C GLN A 6 -24.02 -1.68 1.71
N LEU A 7 -23.40 -2.11 0.61
CA LEU A 7 -22.03 -1.68 0.23
C LEU A 7 -22.12 -0.84 -1.04
N THR A 8 -21.76 0.42 -0.96
CA THR A 8 -21.75 1.38 -2.08
C THR A 8 -20.33 1.57 -2.57
N VAL A 9 -20.10 1.45 -3.87
CA VAL A 9 -18.82 1.82 -4.50
C VAL A 9 -19.01 3.20 -5.09
N LEU A 10 -18.37 4.15 -4.45
CA LEU A 10 -18.32 5.56 -4.86
C LEU A 10 -17.13 5.64 -5.81
N ASP A 11 -17.46 5.46 -7.11
CA ASP A 11 -16.52 5.23 -8.24
C ASP A 11 -16.55 6.44 -9.17
N LEU A 12 -16.69 7.63 -8.60
CA LEU A 12 -16.49 8.88 -9.34
C LEU A 12 -15.06 8.86 -9.91
N HIS A 13 -14.85 9.49 -11.05
CA HIS A 13 -13.49 9.57 -11.65
C HIS A 13 -12.50 10.26 -10.71
N PRO A 14 -11.18 10.05 -10.93
CA PRO A 14 -10.16 10.67 -10.10
C PRO A 14 -10.33 12.20 -10.05
N GLY A 15 -10.26 12.79 -8.85
CA GLY A 15 -10.38 14.24 -8.62
C GLY A 15 -11.82 14.72 -8.73
N ALA A 16 -12.80 13.83 -8.76
CA ALA A 16 -14.23 14.23 -8.82
C ALA A 16 -14.73 14.82 -7.49
N GLY A 17 -13.88 14.83 -6.45
CA GLY A 17 -14.15 15.43 -5.12
C GLY A 17 -14.71 14.43 -4.09
N LYS A 18 -14.40 13.14 -4.27
CA LYS A 18 -14.89 12.05 -3.35
C LYS A 18 -14.44 12.38 -1.92
N THR A 19 -13.19 12.77 -1.73
CA THR A 19 -12.61 12.99 -0.37
C THR A 19 -13.05 14.37 0.16
N ARG A 20 -12.95 15.43 -0.66
CA ARG A 20 -13.10 16.83 -0.18
C ARG A 20 -14.59 17.25 -0.17
N ARG A 21 -15.43 16.69 -1.03
CA ARG A 21 -16.85 17.14 -1.09
C ARG A 21 -17.76 16.07 -0.48
N VAL A 22 -17.71 14.84 -0.99
CA VAL A 22 -18.68 13.77 -0.67
C VAL A 22 -18.42 13.30 0.78
N LEU A 23 -17.17 13.05 1.17
CA LEU A 23 -16.92 12.47 2.52
C LEU A 23 -17.54 13.34 3.62
N PRO A 24 -17.34 14.68 3.71
CA PRO A 24 -17.96 15.46 4.80
C PRO A 24 -19.49 15.39 4.82
N GLU A 25 -20.13 15.27 3.65
CA GLU A 25 -21.62 15.10 3.55
C GLU A 25 -21.98 13.77 4.20
N ILE A 26 -21.25 12.71 3.86
CA ILE A 26 -21.52 11.36 4.42
C ILE A 26 -21.40 11.41 5.95
N VAL A 27 -20.33 12.02 6.46
CA VAL A 27 -20.07 12.07 7.91
C VAL A 27 -21.18 12.85 8.62
N ARG A 28 -21.62 13.98 8.06
CA ARG A 28 -22.70 14.76 8.68
C ARG A 28 -23.96 13.92 8.75
N GLU A 29 -24.30 13.20 7.67
CA GLU A 29 -25.48 12.29 7.69
C GLU A 29 -25.28 11.18 8.71
N ALA A 30 -24.10 10.60 8.80
CA ALA A 30 -23.83 9.50 9.75
C ALA A 30 -24.03 9.95 11.20
N ILE A 31 -23.51 11.12 11.56
CA ILE A 31 -23.65 11.68 12.93
C ILE A 31 -25.14 11.97 13.25
N LYS A 32 -25.85 12.54 12.30
CA LYS A 32 -27.32 12.82 12.41
C LYS A 32 -28.03 11.50 12.75
N LYS A 33 -27.63 10.39 12.12
CA LYS A 33 -28.31 9.09 12.30
C LYS A 33 -27.70 8.28 13.43
N ARG A 34 -26.75 8.81 14.22
CA ARG A 34 -26.11 8.12 15.36
C ARG A 34 -25.50 6.81 14.87
N LEU A 35 -24.87 6.84 13.69
CA LEU A 35 -24.12 5.65 13.19
C LEU A 35 -22.68 5.74 13.66
N ARG A 36 -22.26 4.75 14.43
CA ARG A 36 -20.84 4.62 14.81
C ARG A 36 -20.06 4.34 13.52
N THR A 37 -19.12 5.20 13.18
CA THR A 37 -18.53 5.23 11.83
C THR A 37 -17.01 5.14 11.93
N VAL A 38 -16.42 4.38 11.03
CA VAL A 38 -14.97 4.44 10.83
C VAL A 38 -14.68 4.92 9.43
N ILE A 39 -13.65 5.76 9.36
CA ILE A 39 -13.11 6.30 8.08
C ILE A 39 -11.69 5.78 8.01
N LEU A 40 -11.38 5.14 6.92
CA LEU A 40 -10.08 4.48 6.72
C LEU A 40 -9.30 5.22 5.63
N ALA A 41 -8.15 5.76 6.03
CA ALA A 41 -7.21 6.47 5.12
C ALA A 41 -6.10 5.50 4.74
N PRO A 42 -5.64 5.54 3.48
CA PRO A 42 -4.56 4.62 3.08
C PRO A 42 -3.22 4.99 3.71
N THR A 43 -3.01 6.27 3.96
CA THR A 43 -1.72 6.84 4.45
C THR A 43 -1.98 7.92 5.46
N ARG A 44 -0.95 8.23 6.25
N ARG A 44 -0.94 8.27 6.22
CA ARG A 44 -0.95 9.34 7.23
CA ARG A 44 -0.96 9.34 7.24
C ARG A 44 -1.14 10.65 6.47
C ARG A 44 -0.99 10.70 6.55
N VAL A 45 -0.57 10.76 5.28
CA VAL A 45 -0.70 11.99 4.44
C VAL A 45 -2.17 12.19 4.16
N VAL A 46 -2.89 11.17 3.73
CA VAL A 46 -4.35 11.29 3.43
C VAL A 46 -5.11 11.53 4.73
N ALA A 47 -4.75 10.88 5.84
CA ALA A 47 -5.39 11.13 7.15
C ALA A 47 -5.35 12.64 7.45
N ALA A 48 -4.18 13.28 7.37
CA ALA A 48 -4.03 14.75 7.60
C ALA A 48 -4.90 15.57 6.63
N GLU A 49 -4.95 15.22 5.35
CA GLU A 49 -5.84 15.89 4.36
C GLU A 49 -7.31 15.76 4.76
N MET A 50 -7.70 14.59 5.26
CA MET A 50 -9.10 14.39 5.71
C MET A 50 -9.40 15.31 6.88
N GLU A 51 -8.47 15.49 7.83
CA GLU A 51 -8.73 16.35 9.01
C GLU A 51 -9.08 17.74 8.49
N GLU A 52 -8.39 18.20 7.46
CA GLU A 52 -8.67 19.54 6.87
C GLU A 52 -10.09 19.57 6.29
N ALA A 53 -10.49 18.53 5.54
CA ALA A 53 -11.78 18.42 4.83
C ALA A 53 -12.94 18.29 5.81
N LEU A 54 -12.65 17.74 6.98
CA LEU A 54 -13.65 17.43 8.04
C LEU A 54 -13.49 18.42 9.19
N ARG A 55 -12.68 19.46 9.05
CA ARG A 55 -12.31 20.29 10.23
C ARG A 55 -13.60 20.84 10.85
N GLY A 56 -13.73 20.78 12.18
CA GLY A 56 -14.92 21.25 12.90
C GLY A 56 -16.01 20.19 13.10
N LEU A 57 -15.97 19.06 12.36
CA LEU A 57 -16.88 17.90 12.62
C LEU A 57 -16.27 17.05 13.73
N PRO A 58 -17.12 16.39 14.54
CA PRO A 58 -16.66 15.61 15.67
C PRO A 58 -16.10 14.25 15.21
N VAL A 59 -14.80 14.23 14.92
CA VAL A 59 -14.09 13.01 14.41
C VAL A 59 -12.93 12.74 15.35
N ARG A 60 -12.82 11.48 15.81
CA ARG A 60 -11.68 11.00 16.63
C ARG A 60 -10.59 10.56 15.66
N TYR A 61 -9.41 11.18 15.76
CA TYR A 61 -8.25 10.89 14.87
C TYR A 61 -7.31 9.92 15.57
N MET A 62 -7.40 8.65 15.17
CA MET A 62 -6.66 7.57 15.79
C MET A 62 -5.35 7.40 15.01
N THR A 63 -4.56 8.49 14.98
CA THR A 63 -3.31 8.63 14.19
C THR A 63 -2.50 9.78 14.80
N THR A 64 -1.18 9.65 15.01
CA THR A 64 -0.35 10.82 15.46
C THR A 64 -0.09 11.79 14.30
N ALA A 65 -0.55 11.48 13.08
CA ALA A 65 -0.39 12.35 11.89
C ALA A 65 -1.23 13.62 12.00
N VAL A 66 -2.13 13.66 12.98
CA VAL A 66 -3.10 14.76 13.22
C VAL A 66 -2.96 15.12 14.71
N ASN A 67 -2.53 16.35 15.01
CA ASN A 67 -2.32 16.84 16.41
C ASN A 67 -3.63 17.46 16.91
N VAL A 68 -4.70 16.66 16.93
CA VAL A 68 -5.95 16.95 17.70
C VAL A 68 -6.19 15.75 18.62
N THR A 69 -6.29 16.02 19.92
CA THR A 69 -6.70 15.03 20.95
C THR A 69 -8.23 14.94 20.92
N HIS A 70 -8.76 13.71 21.02
CA HIS A 70 -10.21 13.41 20.99
C HIS A 70 -10.88 14.03 22.22
N SER A 71 -12.03 14.70 22.02
CA SER A 71 -12.86 15.36 23.06
C SER A 71 -13.57 14.30 23.92
N GLY A 72 -13.73 13.09 23.38
CA GLY A 72 -14.35 11.94 24.08
C GLY A 72 -15.73 11.62 23.54
N THR A 73 -16.43 12.61 22.94
CA THR A 73 -17.84 12.43 22.52
C THR A 73 -17.98 12.02 21.03
N GLU A 74 -16.88 11.89 20.29
CA GLU A 74 -16.99 11.56 18.85
C GLU A 74 -17.53 10.13 18.67
N ILE A 75 -18.41 9.91 17.69
CA ILE A 75 -18.82 8.54 17.29
C ILE A 75 -18.26 8.19 15.90
N VAL A 76 -17.43 9.08 15.37
CA VAL A 76 -16.73 8.88 14.06
C VAL A 76 -15.25 8.72 14.35
N ASP A 77 -14.65 7.59 13.96
CA ASP A 77 -13.22 7.33 14.17
C ASP A 77 -12.55 7.41 12.82
N LEU A 78 -11.33 7.91 12.77
CA LEU A 78 -10.55 7.93 11.53
C LEU A 78 -9.17 7.31 11.82
N MET A 79 -8.80 6.34 11.00
CA MET A 79 -7.51 5.66 11.18
C MET A 79 -7.03 5.21 9.84
N CYS A 80 -5.79 4.75 9.77
CA CYS A 80 -5.27 4.20 8.50
C CYS A 80 -5.81 2.78 8.26
N HIS A 81 -5.86 2.37 6.98
CA HIS A 81 -6.26 0.97 6.64
C HIS A 81 -5.51 -0.03 7.52
N ALA A 82 -4.19 0.14 7.62
CA ALA A 82 -3.33 -0.82 8.33
C ALA A 82 -3.65 -0.85 9.82
N THR A 83 -4.00 0.31 10.37
CA THR A 83 -4.31 0.41 11.80
C THR A 83 -5.60 -0.36 12.10
N PHE A 84 -6.58 -0.25 11.21
CA PHE A 84 -7.83 -1.02 11.39
C PHE A 84 -7.55 -2.53 11.47
N THR A 85 -6.83 -3.05 10.49
CA THR A 85 -6.53 -4.48 10.44
C THR A 85 -5.66 -4.88 11.63
N SER A 86 -4.70 -4.03 11.99
CA SER A 86 -3.80 -4.27 13.14
C SER A 86 -4.65 -4.41 14.42
N ARG A 87 -5.56 -3.47 14.66
CA ARG A 87 -6.41 -3.52 15.89
C ARG A 87 -7.32 -4.76 15.87
N LEU A 88 -7.80 -5.17 14.70
CA LEU A 88 -8.64 -6.39 14.62
C LEU A 88 -7.82 -7.62 15.03
N LEU A 89 -6.57 -7.67 14.63
CA LEU A 89 -5.67 -8.80 14.96
C LEU A 89 -5.27 -8.82 16.44
N GLN A 90 -5.14 -7.67 17.07
CA GLN A 90 -4.64 -7.55 18.47
C GLN A 90 -5.80 -7.81 19.42
N PRO A 91 -5.49 -8.19 20.69
CA PRO A 91 -6.45 -8.40 21.75
C PRO A 91 -6.88 -7.06 22.32
N ILE A 92 -7.43 -6.26 21.43
CA ILE A 92 -8.00 -4.92 21.69
C ILE A 92 -9.39 -4.95 21.09
N ARG A 93 -10.34 -4.36 21.79
CA ARG A 93 -11.75 -4.15 21.39
C ARG A 93 -11.78 -3.14 20.24
N VAL A 94 -12.31 -3.60 19.14
CA VAL A 94 -12.66 -2.72 17.99
C VAL A 94 -14.18 -2.68 18.04
N PRO A 95 -14.77 -1.47 18.07
CA PRO A 95 -16.21 -1.39 18.09
C PRO A 95 -16.82 -1.96 16.82
N ASN A 96 -18.08 -2.35 16.92
CA ASN A 96 -18.89 -2.78 15.75
C ASN A 96 -19.32 -1.52 15.01
N TYR A 97 -18.55 -1.08 14.03
CA TYR A 97 -18.90 0.11 13.26
C TYR A 97 -20.15 -0.19 12.43
N ASN A 98 -21.14 0.70 12.54
CA ASN A 98 -22.39 0.59 11.77
C ASN A 98 -22.09 1.00 10.33
N LEU A 99 -21.16 1.94 10.12
CA LEU A 99 -20.82 2.49 8.80
C LEU A 99 -19.29 2.45 8.69
N ASN A 100 -18.84 1.89 7.57
CA ASN A 100 -17.40 1.62 7.33
C ASN A 100 -17.04 2.29 6.01
N ILE A 101 -16.31 3.37 6.09
CA ILE A 101 -15.88 4.13 4.89
C ILE A 101 -14.42 3.90 4.61
N MET A 102 -14.11 3.36 3.43
CA MET A 102 -12.71 3.19 3.06
C MET A 102 -12.37 4.15 1.93
N ASP A 103 -11.47 5.09 2.20
CA ASP A 103 -10.99 5.95 1.10
C ASP A 103 -9.83 5.25 0.39
N GLU A 104 -9.67 5.59 -0.88
CA GLU A 104 -8.63 5.01 -1.78
C GLU A 104 -8.75 3.48 -1.66
N ALA A 105 -9.95 2.94 -1.85
CA ALA A 105 -10.33 1.54 -1.57
C ALA A 105 -9.78 0.55 -2.59
N HIS A 106 -8.99 1.04 -3.55
CA HIS A 106 -8.26 0.21 -4.50
C HIS A 106 -6.93 -0.29 -3.92
N PHE A 107 -6.50 0.18 -2.77
CA PHE A 107 -5.16 -0.10 -2.22
C PHE A 107 -4.97 -1.60 -2.09
N THR A 108 -3.88 -2.15 -2.66
CA THR A 108 -3.69 -3.61 -2.74
C THR A 108 -2.65 -4.09 -1.70
N ASP A 109 -2.29 -3.30 -0.70
CA ASP A 109 -1.46 -3.84 0.39
C ASP A 109 -2.32 -4.85 1.17
N PRO A 110 -1.71 -5.93 1.69
CA PRO A 110 -2.43 -6.98 2.36
C PRO A 110 -3.40 -6.49 3.42
N SER A 111 -2.99 -5.53 4.26
CA SER A 111 -3.91 -5.03 5.32
C SER A 111 -5.13 -4.35 4.72
N SER A 112 -5.00 -3.73 3.56
CA SER A 112 -6.15 -3.04 2.90
C SER A 112 -7.09 -4.11 2.36
N ILE A 113 -6.56 -5.10 1.66
CA ILE A 113 -7.38 -6.18 1.11
C ILE A 113 -8.11 -6.86 2.29
N ALA A 114 -7.40 -7.17 3.40
CA ALA A 114 -8.03 -7.84 4.55
C ALA A 114 -9.13 -6.95 5.12
N ALA A 115 -8.87 -5.65 5.28
CA ALA A 115 -9.89 -4.73 5.78
C ALA A 115 -11.13 -4.81 4.87
N ARG A 116 -10.96 -4.81 3.55
CA ARG A 116 -12.14 -4.87 2.67
C ARG A 116 -12.88 -6.18 2.88
N GLY A 117 -12.16 -7.27 3.08
CA GLY A 117 -12.77 -8.59 3.27
C GLY A 117 -13.62 -8.61 4.54
N TYR A 118 -13.03 -8.14 5.63
CA TYR A 118 -13.74 -8.11 6.90
C TYR A 118 -14.98 -7.21 6.77
N ILE A 119 -14.85 -6.02 6.23
CA ILE A 119 -15.97 -5.06 6.14
C ILE A 119 -17.05 -5.64 5.24
N SER A 120 -16.70 -6.12 4.06
CA SER A 120 -17.69 -6.62 3.07
C SER A 120 -18.39 -7.84 3.67
N THR A 121 -17.71 -8.67 4.45
CA THR A 121 -18.32 -9.84 5.11
C THR A 121 -19.35 -9.32 6.10
N ARG A 122 -19.02 -8.30 6.88
CA ARG A 122 -20.00 -7.76 7.87
C ARG A 122 -21.20 -7.25 7.10
N VAL A 123 -21.01 -6.56 6.01
CA VAL A 123 -22.17 -6.04 5.24
C VAL A 123 -22.99 -7.24 4.71
N GLU A 124 -22.35 -8.26 4.18
CA GLU A 124 -23.05 -9.45 3.62
C GLU A 124 -23.87 -10.13 4.72
N MET A 125 -23.37 -10.19 5.95
CA MET A 125 -24.04 -10.76 7.13
C MET A 125 -25.23 -9.90 7.58
N GLY A 126 -25.39 -8.70 7.05
CA GLY A 126 -26.51 -7.81 7.41
C GLY A 126 -26.22 -6.99 8.65
N GLU A 127 -24.95 -6.84 9.02
CA GLU A 127 -24.53 -6.27 10.31
C GLU A 127 -24.14 -4.80 10.19
N ALA A 128 -23.88 -4.30 8.99
CA ALA A 128 -23.22 -3.00 8.77
C ALA A 128 -23.45 -2.50 7.36
N ALA A 129 -23.09 -1.26 7.13
CA ALA A 129 -23.06 -0.61 5.82
C ALA A 129 -21.59 -0.23 5.54
N ALA A 130 -21.28 -0.09 4.27
CA ALA A 130 -19.93 0.32 3.86
C ALA A 130 -19.98 1.17 2.61
N ILE A 131 -18.99 2.05 2.51
CA ILE A 131 -18.75 2.86 1.31
C ILE A 131 -17.28 2.71 0.96
N PHE A 132 -17.02 2.21 -0.24
CA PHE A 132 -15.63 2.09 -0.76
C PHE A 132 -15.44 3.20 -1.79
N MET A 133 -14.59 4.16 -1.51
CA MET A 133 -14.34 5.33 -2.37
C MET A 133 -13.11 5.00 -3.23
N THR A 134 -13.31 4.88 -4.53
CA THR A 134 -12.18 4.73 -5.47
C THR A 134 -12.66 4.98 -6.90
N ALA A 135 -11.83 5.65 -7.69
CA ALA A 135 -12.01 5.77 -9.15
C ALA A 135 -11.86 4.41 -9.84
N THR A 136 -11.22 3.42 -9.21
CA THR A 136 -10.78 2.18 -9.88
C THR A 136 -11.14 0.97 -9.03
N PRO A 137 -12.41 0.52 -8.99
CA PRO A 137 -12.77 -0.67 -8.21
C PRO A 137 -12.08 -1.94 -8.73
N PRO A 138 -11.99 -3.04 -7.96
CA PRO A 138 -11.29 -4.24 -8.43
C PRO A 138 -11.79 -4.78 -9.78
N GLY A 139 -10.85 -5.10 -10.67
CA GLY A 139 -11.12 -5.68 -12.00
C GLY A 139 -11.59 -4.64 -13.02
N THR A 140 -11.56 -3.35 -12.69
CA THR A 140 -11.74 -2.29 -13.70
C THR A 140 -10.80 -2.60 -14.86
N ARG A 141 -11.29 -2.42 -16.07
CA ARG A 141 -10.58 -2.71 -17.32
C ARG A 141 -10.23 -1.41 -18.04
N ASP A 142 -10.49 -0.25 -17.40
CA ASP A 142 -10.37 1.06 -18.07
C ASP A 142 -9.17 1.82 -17.50
N ALA A 143 -8.06 1.83 -18.22
CA ALA A 143 -6.87 2.59 -17.77
C ALA A 143 -7.02 4.09 -18.07
N PHE A 144 -8.02 4.53 -18.83
CA PHE A 144 -8.15 5.94 -19.27
C PHE A 144 -9.49 6.52 -18.88
N PRO A 145 -9.84 6.54 -17.58
CA PRO A 145 -11.12 7.09 -17.16
C PRO A 145 -11.24 8.60 -17.39
N ASP A 146 -12.43 9.14 -17.21
CA ASP A 146 -12.64 10.59 -17.30
C ASP A 146 -11.78 11.34 -16.29
N SER A 147 -11.56 12.64 -16.54
CA SER A 147 -10.73 13.52 -15.70
C SER A 147 -11.42 14.89 -15.61
N ASN A 148 -10.99 15.71 -14.68
CA ASN A 148 -11.51 17.10 -14.55
C ASN A 148 -11.14 17.90 -15.79
N SER A 149 -9.99 17.63 -16.43
CA SER A 149 -9.56 18.38 -17.65
C SER A 149 -8.96 17.39 -18.64
N PRO A 150 -9.06 17.69 -19.93
CA PRO A 150 -8.53 16.82 -20.97
C PRO A 150 -7.06 16.49 -20.71
N ILE A 151 -6.75 15.21 -20.95
CA ILE A 151 -5.36 14.70 -20.81
C ILE A 151 -4.84 14.37 -22.23
N MET A 152 -3.58 14.63 -22.46
CA MET A 152 -2.89 14.19 -23.69
C MET A 152 -2.23 12.84 -23.37
N ASP A 153 -2.80 11.77 -23.89
CA ASP A 153 -2.27 10.38 -23.67
C ASP A 153 -1.32 10.01 -24.81
N THR A 154 -0.08 9.65 -24.50
CA THR A 154 0.86 9.22 -25.55
C THR A 154 1.57 7.96 -25.11
N GLU A 155 1.52 6.97 -25.98
CA GLU A 155 2.29 5.71 -25.82
C GLU A 155 3.68 5.97 -26.33
N VAL A 156 4.72 5.80 -25.52
CA VAL A 156 6.11 6.19 -25.86
C VAL A 156 7.06 5.28 -25.09
N GLU A 157 8.24 5.01 -25.65
CA GLU A 157 9.26 4.29 -24.89
C GLU A 157 9.74 5.17 -23.75
N VAL A 158 9.71 4.64 -22.54
CA VAL A 158 10.12 5.36 -21.30
C VAL A 158 11.40 4.69 -20.83
N PRO A 159 12.44 5.47 -20.52
CA PRO A 159 13.64 4.88 -19.98
C PRO A 159 13.40 4.23 -18.63
N GLU A 160 14.11 3.14 -18.35
CA GLU A 160 14.12 2.42 -17.06
C GLU A 160 15.55 2.35 -16.56
N ARG A 161 16.47 3.01 -17.26
CA ARG A 161 17.91 3.04 -16.91
C ARG A 161 18.39 4.44 -17.23
N ALA A 162 19.56 4.79 -16.75
CA ALA A 162 20.26 6.02 -17.18
C ALA A 162 20.33 6.01 -18.70
N TRP A 163 20.18 7.19 -19.31
CA TRP A 163 20.22 7.39 -20.78
C TRP A 163 21.08 8.62 -21.09
N SER A 164 21.69 8.63 -22.27
CA SER A 164 22.60 9.68 -22.77
C SER A 164 21.96 10.37 -23.97
N SER A 165 21.01 9.73 -24.63
CA SER A 165 20.46 10.17 -25.93
C SER A 165 19.14 9.45 -26.19
N GLY A 166 18.32 9.98 -27.07
CA GLY A 166 17.13 9.27 -27.58
C GLY A 166 15.85 9.56 -26.81
N PHE A 167 15.95 10.33 -25.72
CA PHE A 167 14.77 10.65 -24.87
C PHE A 167 14.72 12.15 -24.54
N ASP A 168 14.95 13.00 -25.53
CA ASP A 168 15.10 14.45 -25.25
C ASP A 168 13.79 14.98 -24.66
N TRP A 169 12.67 14.41 -25.07
CA TRP A 169 11.31 14.82 -24.59
C TRP A 169 11.24 14.79 -23.08
N VAL A 170 12.00 13.92 -22.46
CA VAL A 170 11.92 13.79 -20.98
C VAL A 170 12.43 15.08 -20.31
N THR A 171 13.59 15.56 -20.72
CA THR A 171 14.27 16.68 -20.02
C THR A 171 13.89 18.00 -20.69
N ASP A 172 13.37 18.00 -21.92
CA ASP A 172 13.02 19.25 -22.66
C ASP A 172 11.78 19.93 -22.11
N HIS A 173 11.14 19.40 -21.10
CA HIS A 173 9.85 19.84 -20.50
C HIS A 173 10.08 20.85 -19.37
N SER A 174 9.29 21.91 -19.28
CA SER A 174 9.54 22.98 -18.29
C SER A 174 8.69 22.79 -17.04
N GLY A 175 7.65 21.97 -17.13
CA GLY A 175 6.67 21.76 -16.04
C GLY A 175 7.18 20.70 -15.09
N LYS A 176 6.35 20.36 -14.13
CA LYS A 176 6.65 19.37 -13.07
C LYS A 176 6.09 18.01 -13.51
N THR A 177 6.90 16.97 -13.32
CA THR A 177 6.63 15.58 -13.75
C THR A 177 6.60 14.66 -12.54
N VAL A 178 5.56 13.83 -12.50
CA VAL A 178 5.52 12.65 -11.61
C VAL A 178 5.86 11.43 -12.44
N TRP A 179 6.88 10.67 -12.03
CA TRP A 179 7.39 9.53 -12.86
C TRP A 179 7.24 8.28 -11.99
N PHE A 180 6.39 7.35 -12.41
CA PHE A 180 6.17 6.04 -11.76
C PHE A 180 7.16 5.00 -12.30
N VAL A 181 7.94 4.50 -11.38
CA VAL A 181 8.98 3.44 -11.57
C VAL A 181 8.50 2.17 -10.86
N PRO A 182 9.05 1.00 -11.27
CA PRO A 182 8.65 -0.28 -10.67
C PRO A 182 9.28 -0.62 -9.33
N SER A 183 10.33 0.12 -8.93
CA SER A 183 11.05 -0.23 -7.70
C SER A 183 11.86 0.96 -7.25
N VAL A 184 12.21 0.92 -5.97
CA VAL A 184 13.14 1.91 -5.38
C VAL A 184 14.47 1.91 -6.12
N ARG A 185 15.07 0.74 -6.37
CA ARG A 185 16.39 0.68 -7.04
C ARG A 185 16.30 1.31 -8.42
N ASN A 186 15.23 1.02 -9.17
N ASN A 186 15.22 1.01 -9.13
CA ASN A 186 15.07 1.59 -10.53
CA ASN A 186 14.97 1.57 -10.48
C ASN A 186 14.92 3.12 -10.41
C ASN A 186 14.94 3.11 -10.38
N GLY A 187 14.14 3.62 -9.44
CA GLY A 187 13.98 5.08 -9.28
C GLY A 187 15.32 5.73 -8.96
N ASN A 188 16.15 5.02 -8.18
CA ASN A 188 17.45 5.62 -7.78
C ASN A 188 18.29 5.91 -9.03
N GLU A 189 18.33 4.98 -9.98
CA GLU A 189 19.13 5.18 -11.20
C GLU A 189 18.56 6.32 -12.05
N ILE A 190 17.25 6.35 -12.26
CA ILE A 190 16.61 7.42 -13.06
C ILE A 190 16.81 8.75 -12.33
N ALA A 191 16.62 8.76 -11.02
CA ALA A 191 16.79 10.00 -10.24
C ALA A 191 18.21 10.52 -10.42
N ALA A 192 19.21 9.66 -10.35
CA ALA A 192 20.62 10.06 -10.47
C ALA A 192 20.86 10.65 -11.88
N CYS A 193 20.31 10.05 -12.93
CA CYS A 193 20.49 10.53 -14.31
C CYS A 193 19.85 11.91 -14.46
N LEU A 194 18.65 12.12 -13.91
CA LEU A 194 17.98 13.44 -13.98
C LEU A 194 18.79 14.46 -13.18
N THR A 195 19.27 14.10 -12.00
CA THR A 195 20.07 15.00 -11.13
C THR A 195 21.32 15.41 -11.91
N LYS A 196 21.97 14.47 -12.56
CA LYS A 196 23.17 14.78 -13.38
C LYS A 196 22.80 15.76 -14.50
N ALA A 197 21.57 15.74 -15.03
CA ALA A 197 21.13 16.63 -16.13
C ALA A 197 20.63 17.97 -15.58
N GLY A 198 20.76 18.21 -14.27
CA GLY A 198 20.45 19.53 -13.67
C GLY A 198 19.06 19.60 -13.09
N LYS A 199 18.37 18.46 -13.03
CA LYS A 199 16.99 18.45 -12.50
C LYS A 199 16.95 18.29 -10.97
N ARG A 200 15.93 18.86 -10.36
CA ARG A 200 15.63 18.65 -8.92
C ARG A 200 14.63 17.52 -8.74
N VAL A 201 15.06 16.49 -8.04
CA VAL A 201 14.29 15.24 -7.97
C VAL A 201 13.99 14.91 -6.53
N ILE A 202 12.75 14.53 -6.27
CA ILE A 202 12.31 13.99 -4.95
C ILE A 202 11.95 12.53 -5.27
N GLN A 203 12.37 11.61 -4.40
CA GLN A 203 12.01 10.18 -4.51
C GLN A 203 11.03 9.79 -3.41
N LEU A 204 9.98 9.05 -3.77
CA LEU A 204 8.98 8.54 -2.82
C LEU A 204 8.90 7.02 -2.91
N SER A 205 8.73 6.39 -1.75
CA SER A 205 8.46 4.94 -1.64
C SER A 205 7.71 4.74 -0.34
N ARG A 206 7.22 3.54 -0.07
CA ARG A 206 6.40 3.31 1.15
C ARG A 206 7.12 3.73 2.42
N LYS A 207 8.39 3.37 2.59
CA LYS A 207 9.12 3.59 3.86
C LYS A 207 9.39 5.09 4.06
N THR A 208 9.52 5.85 2.98
CA THR A 208 9.91 7.28 3.08
C THR A 208 8.70 8.20 2.87
N PHE A 209 7.53 7.67 2.52
CA PHE A 209 6.47 8.51 1.91
C PHE A 209 6.06 9.68 2.84
N GLU A 210 5.73 9.50 4.12
CA GLU A 210 5.26 10.72 4.87
C GLU A 210 6.31 11.83 4.84
N THR A 211 7.53 11.52 5.30
CA THR A 211 8.62 12.51 5.38
C THR A 211 8.90 13.13 4.01
N GLU A 212 9.07 12.29 2.99
CA GLU A 212 9.55 12.81 1.70
C GLU A 212 8.43 13.57 1.01
N PHE A 213 7.17 13.13 1.15
CA PHE A 213 6.05 13.75 0.42
C PHE A 213 6.00 15.24 0.81
N GLN A 214 6.32 15.59 2.06
CA GLN A 214 6.31 17.00 2.53
C GLN A 214 7.22 17.86 1.66
N LYS A 215 8.29 17.27 1.14
CA LYS A 215 9.25 18.02 0.30
C LYS A 215 8.55 18.54 -0.95
N THR A 216 7.47 17.88 -1.42
CA THR A 216 6.79 18.30 -2.65
C THR A 216 6.06 19.61 -2.41
N LYS A 217 5.81 19.94 -1.13
CA LYS A 217 5.18 21.24 -0.77
C LYS A 217 6.24 22.27 -0.37
N ASN A 218 7.33 21.84 0.26
CA ASN A 218 8.27 22.75 0.98
C ASN A 218 9.42 23.14 0.05
N GLN A 219 9.69 22.36 -1.00
CA GLN A 219 10.84 22.74 -1.85
C GLN A 219 10.40 22.75 -3.31
N GLU A 220 11.12 23.49 -4.15
CA GLU A 220 10.90 23.45 -5.61
C GLU A 220 11.52 22.15 -6.14
N TRP A 221 10.88 21.60 -7.14
CA TRP A 221 11.27 20.29 -7.71
C TRP A 221 10.85 20.30 -9.15
N ASP A 222 11.50 19.46 -9.94
CA ASP A 222 11.20 19.27 -11.38
C ASP A 222 10.58 17.87 -11.58
N PHE A 223 11.05 16.85 -10.86
CA PHE A 223 10.55 15.46 -10.98
C PHE A 223 10.26 14.91 -9.59
N VAL A 224 9.15 14.19 -9.46
CA VAL A 224 8.95 13.23 -8.36
C VAL A 224 9.11 11.83 -8.98
N ILE A 225 10.04 11.07 -8.48
CA ILE A 225 10.27 9.65 -8.87
C ILE A 225 9.64 8.80 -7.80
N THR A 226 8.61 8.06 -8.13
CA THR A 226 7.82 7.35 -7.12
C THR A 226 7.52 5.92 -7.56
N THR A 227 7.40 5.04 -6.58
CA THR A 227 6.78 3.73 -6.75
C THR A 227 5.27 3.88 -6.74
N ASP A 228 4.60 2.75 -6.83
CA ASP A 228 3.14 2.67 -6.86
C ASP A 228 2.49 3.27 -5.62
N ILE A 229 3.21 3.56 -4.52
CA ILE A 229 2.52 4.13 -3.33
C ILE A 229 1.80 5.45 -3.70
N SER A 230 2.27 6.17 -4.72
CA SER A 230 1.63 7.45 -5.08
C SER A 230 0.32 7.23 -5.86
N GLU A 231 -0.12 5.97 -6.07
CA GLU A 231 -1.49 5.66 -6.55
C GLU A 231 -2.56 5.88 -5.48
N MET A 232 -2.17 6.07 -4.23
CA MET A 232 -3.12 6.05 -3.07
C MET A 232 -3.43 7.48 -2.60
N GLY A 233 -3.85 8.34 -3.52
CA GLY A 233 -4.42 9.66 -3.22
C GLY A 233 -3.35 10.72 -2.97
N ALA A 234 -2.10 10.49 -3.38
CA ALA A 234 -0.98 11.46 -3.31
C ALA A 234 -1.31 12.54 -4.34
N ASN A 235 -1.41 13.81 -3.95
CA ASN A 235 -1.71 14.87 -4.95
C ASN A 235 -0.50 15.78 -5.13
N PHE A 236 -0.25 16.12 -6.40
CA PHE A 236 0.93 16.88 -6.85
C PHE A 236 0.45 18.04 -7.72
N LYS A 237 1.17 19.13 -7.69
CA LYS A 237 0.94 20.27 -8.63
C LYS A 237 1.83 19.97 -9.83
N ALA A 238 1.36 19.12 -10.72
CA ALA A 238 2.18 18.63 -11.84
C ALA A 238 1.43 18.80 -13.15
N ASP A 239 2.15 18.84 -14.24
CA ASP A 239 1.43 18.85 -15.53
C ASP A 239 1.81 17.65 -16.41
N ARG A 240 2.58 16.71 -15.87
CA ARG A 240 2.95 15.53 -16.65
C ARG A 240 3.11 14.33 -15.73
N VAL A 241 2.60 13.20 -16.19
CA VAL A 241 2.97 11.89 -15.59
C VAL A 241 3.76 11.13 -16.64
N ILE A 242 4.90 10.61 -16.24
CA ILE A 242 5.65 9.59 -17.01
C ILE A 242 5.38 8.27 -16.32
N ASP A 243 4.90 7.29 -17.05
CA ASP A 243 4.51 6.01 -16.42
C ASP A 243 5.23 4.89 -17.14
N SER A 244 6.19 4.25 -16.46
CA SER A 244 6.80 3.02 -16.97
C SER A 244 5.74 1.95 -17.30
N ARG A 245 4.59 1.99 -16.62
CA ARG A 245 3.53 0.97 -16.65
C ARG A 245 4.07 -0.36 -16.13
N ARG A 246 5.06 -0.32 -15.22
CA ARG A 246 5.69 -1.54 -14.70
C ARG A 246 5.72 -1.50 -13.19
N CYS A 247 5.69 -2.71 -12.63
CA CYS A 247 5.66 -2.94 -11.16
C CYS A 247 6.38 -4.24 -10.90
N LEU A 248 6.70 -4.49 -9.64
CA LEU A 248 7.22 -5.79 -9.17
C LEU A 248 6.03 -6.55 -8.59
N LYS A 249 6.07 -7.87 -8.75
CA LYS A 249 4.99 -8.73 -8.25
C LYS A 249 5.61 -9.70 -7.26
N PRO A 250 5.25 -9.68 -5.96
CA PRO A 250 5.72 -10.70 -5.04
C PRO A 250 4.96 -11.97 -5.40
N VAL A 251 5.71 -13.04 -5.58
CA VAL A 251 5.18 -14.37 -5.98
C VAL A 251 5.75 -15.42 -5.03
N ILE A 252 4.87 -16.20 -4.45
CA ILE A 252 5.28 -17.35 -3.62
C ILE A 252 5.57 -18.53 -4.57
N LEU A 253 6.80 -19.06 -4.55
CA LEU A 253 7.18 -20.26 -5.35
C LEU A 253 7.16 -21.50 -4.48
N ASP A 254 6.37 -22.51 -4.87
CA ASP A 254 6.41 -23.86 -4.23
C ASP A 254 6.07 -23.75 -2.75
N GLY A 255 5.23 -22.78 -2.35
CA GLY A 255 4.86 -22.54 -0.94
C GLY A 255 6.06 -22.26 -0.04
N GLU A 256 7.26 -21.97 -0.58
CA GLU A 256 8.51 -22.06 0.24
C GLU A 256 9.38 -20.79 0.21
N ARG A 257 9.22 -19.89 -0.77
CA ARG A 257 10.03 -18.65 -0.87
C ARG A 257 9.17 -17.62 -1.60
N VAL A 258 9.47 -16.36 -1.38
CA VAL A 258 8.86 -15.23 -2.11
C VAL A 258 9.94 -14.54 -2.93
N ILE A 259 9.67 -14.40 -4.22
CA ILE A 259 10.55 -13.65 -5.16
C ILE A 259 9.79 -12.39 -5.55
N LEU A 260 10.52 -11.38 -5.99
CA LEU A 260 9.92 -10.19 -6.59
C LEU A 260 10.08 -10.31 -8.09
N ALA A 261 9.03 -10.78 -8.72
CA ALA A 261 8.98 -11.07 -10.16
C ALA A 261 8.79 -9.77 -10.94
N GLY A 262 9.36 -9.75 -12.12
CA GLY A 262 9.16 -8.64 -13.06
C GLY A 262 10.47 -7.87 -13.22
N PRO A 263 10.42 -6.56 -13.51
CA PRO A 263 9.17 -5.83 -13.64
C PRO A 263 8.23 -6.33 -14.71
N MET A 264 6.95 -6.13 -14.43
CA MET A 264 5.92 -6.59 -15.36
C MET A 264 4.79 -5.57 -15.38
N PRO A 265 3.83 -5.71 -16.30
CA PRO A 265 2.81 -4.68 -16.47
C PRO A 265 2.01 -4.47 -15.19
N VAL A 266 1.59 -3.21 -15.04
CA VAL A 266 0.61 -2.84 -14.00
C VAL A 266 -0.79 -3.28 -14.41
N THR A 267 -1.69 -3.33 -13.41
CA THR A 267 -3.12 -3.47 -13.69
C THR A 267 -3.68 -2.22 -14.36
N HIS A 268 -4.87 -2.35 -14.92
CA HIS A 268 -5.61 -1.20 -15.47
C HIS A 268 -5.90 -0.20 -14.35
N ALA A 269 -6.25 -0.68 -13.16
CA ALA A 269 -6.55 0.21 -12.03
C ALA A 269 -5.32 1.02 -11.67
N SER A 270 -4.17 0.37 -11.60
CA SER A 270 -2.91 1.08 -11.27
C SER A 270 -2.62 2.13 -12.35
N ALA A 271 -2.71 1.74 -13.61
CA ALA A 271 -2.42 2.70 -14.71
C ALA A 271 -3.36 3.90 -14.61
N ALA A 272 -4.64 3.65 -14.35
CA ALA A 272 -5.63 4.74 -14.26
C ALA A 272 -5.30 5.66 -13.07
N GLN A 273 -4.86 5.11 -11.94
CA GLN A 273 -4.49 5.91 -10.76
C GLN A 273 -3.23 6.72 -11.04
N ARG A 274 -2.26 6.16 -11.73
CA ARG A 274 -1.01 6.86 -12.08
C ARG A 274 -1.36 8.04 -12.98
N ARG A 275 -2.06 7.77 -14.06
CA ARG A 275 -2.55 8.84 -14.96
C ARG A 275 -3.36 9.85 -14.17
N GLY A 276 -4.15 9.38 -13.22
CA GLY A 276 -5.08 10.26 -12.49
C GLY A 276 -4.38 11.21 -11.56
N ARG A 277 -3.05 11.22 -11.48
CA ARG A 277 -2.30 12.27 -10.76
C ARG A 277 -2.45 13.59 -11.52
N ILE A 278 -2.75 13.53 -12.82
CA ILE A 278 -2.86 14.77 -13.65
C ILE A 278 -4.24 14.83 -14.31
N GLY A 279 -4.55 15.94 -15.01
CA GLY A 279 -5.89 16.18 -15.54
C GLY A 279 -6.88 16.64 -14.46
N ARG A 280 -6.38 17.06 -13.31
CA ARG A 280 -7.22 17.29 -12.11
C ARG A 280 -7.75 18.73 -12.10
N ASN A 281 -7.15 19.65 -12.85
CA ASN A 281 -7.50 21.10 -12.76
C ASN A 281 -8.30 21.50 -13.99
N PRO A 282 -9.63 21.81 -13.91
CA PRO A 282 -10.40 22.09 -15.12
C PRO A 282 -9.89 23.33 -15.87
N ASN A 283 -9.14 24.18 -15.17
CA ASN A 283 -8.50 25.40 -15.72
C ASN A 283 -7.16 25.14 -16.37
N LYS A 284 -6.63 23.91 -16.33
CA LYS A 284 -5.34 23.61 -16.96
C LYS A 284 -5.50 22.36 -17.82
N PRO A 285 -6.13 22.45 -19.02
CA PRO A 285 -6.24 21.32 -19.92
C PRO A 285 -4.88 21.02 -20.54
N GLY A 286 -4.71 19.78 -21.01
CA GLY A 286 -3.53 19.34 -21.76
C GLY A 286 -2.38 18.93 -20.87
N ASP A 287 -2.66 18.57 -19.63
CA ASP A 287 -1.67 17.76 -18.89
C ASP A 287 -1.35 16.51 -19.72
N GLU A 288 -0.12 16.00 -19.60
CA GLU A 288 0.42 14.89 -20.41
C GLU A 288 0.52 13.61 -19.58
N TYR A 289 0.17 12.51 -20.24
CA TYR A 289 0.38 11.16 -19.67
C TYR A 289 1.16 10.39 -20.71
N MET A 290 2.43 10.13 -20.40
CA MET A 290 3.31 9.38 -21.29
C MET A 290 3.45 8.00 -20.71
N TYR A 291 3.09 6.97 -21.48
CA TYR A 291 3.09 5.61 -20.91
C TYR A 291 3.88 4.64 -21.75
N GLY A 292 4.66 3.81 -21.05
CA GLY A 292 5.71 2.98 -21.66
C GLY A 292 5.41 1.51 -21.81
N GLY A 293 4.17 1.08 -21.73
CA GLY A 293 3.81 -0.33 -21.86
C GLY A 293 2.31 -0.54 -21.69
N GLY A 294 1.85 -1.75 -21.90
CA GLY A 294 0.44 -2.08 -21.73
C GLY A 294 0.10 -2.45 -20.30
N CYS A 295 -1.16 -2.76 -20.04
CA CYS A 295 -1.62 -3.22 -18.72
C CYS A 295 -1.90 -4.71 -18.78
N ALA A 296 -1.91 -5.35 -17.62
CA ALA A 296 -2.32 -6.78 -17.53
C ALA A 296 -2.83 -7.03 -16.12
N GLU A 297 -3.62 -8.07 -15.88
N GLU A 297 -3.51 -8.18 -15.97
CA GLU A 297 -4.18 -8.26 -14.52
CA GLU A 297 -4.09 -8.74 -14.72
C GLU A 297 -3.18 -9.11 -13.71
C GLU A 297 -2.96 -9.31 -13.86
N THR A 298 -2.05 -8.46 -13.38
CA THR A 298 -0.88 -9.00 -12.63
C THR A 298 -1.18 -9.10 -11.13
N ASP A 299 -2.39 -8.74 -10.68
CA ASP A 299 -2.82 -9.04 -9.28
C ASP A 299 -3.19 -10.50 -9.14
N GLU A 300 -3.44 -11.20 -10.26
CA GLU A 300 -3.76 -12.64 -10.23
C GLU A 300 -2.52 -13.40 -9.77
N GLY A 301 -2.61 -14.12 -8.66
CA GLY A 301 -1.47 -14.89 -8.14
C GLY A 301 -0.46 -14.04 -7.41
N HIS A 302 -0.79 -12.78 -7.15
CA HIS A 302 0.14 -11.86 -6.45
C HIS A 302 0.07 -12.20 -4.92
N ALA A 303 1.21 -12.24 -4.24
CA ALA A 303 1.30 -12.70 -2.82
C ALA A 303 0.41 -11.85 -1.94
N HIS A 304 0.14 -10.59 -2.25
CA HIS A 304 -0.66 -9.79 -1.30
C HIS A 304 -2.03 -10.42 -1.02
N TRP A 305 -2.67 -11.08 -1.99
CA TRP A 305 -4.02 -11.65 -1.77
C TRP A 305 -3.91 -12.91 -0.87
N LEU A 306 -2.87 -13.69 -1.00
CA LEU A 306 -2.64 -14.83 -0.09
C LEU A 306 -2.33 -14.25 1.30
N GLU A 307 -1.44 -13.25 1.39
CA GLU A 307 -1.16 -12.58 2.69
C GLU A 307 -2.46 -12.05 3.31
N ALA A 308 -3.38 -11.48 2.55
CA ALA A 308 -4.65 -10.99 3.09
C ALA A 308 -5.43 -12.15 3.71
N ARG A 309 -5.38 -13.31 3.08
CA ARG A 309 -6.06 -14.50 3.62
C ARG A 309 -5.40 -14.89 4.93
N MET A 310 -4.06 -14.79 5.04
CA MET A 310 -3.37 -15.12 6.28
C MET A 310 -3.85 -14.15 7.39
N LEU A 311 -4.08 -12.88 7.06
CA LEU A 311 -4.56 -11.92 8.08
C LEU A 311 -6.00 -12.29 8.50
N LEU A 312 -6.86 -12.50 7.49
CA LEU A 312 -8.30 -12.72 7.76
C LEU A 312 -8.53 -14.03 8.49
N ASP A 313 -7.75 -15.05 8.25
CA ASP A 313 -7.86 -16.34 8.97
C ASP A 313 -7.61 -16.13 10.46
N ASN A 314 -6.94 -15.03 10.83
CA ASN A 314 -6.48 -14.79 12.21
C ASN A 314 -7.24 -13.62 12.82
N ILE A 315 -8.38 -13.25 12.27
CA ILE A 315 -9.25 -12.19 12.82
C ILE A 315 -10.54 -12.84 13.28
N TYR A 316 -10.91 -12.61 14.53
CA TYR A 316 -12.21 -13.10 15.04
C TYR A 316 -13.33 -12.35 14.36
N LEU A 317 -14.33 -13.11 13.88
CA LEU A 317 -15.56 -12.54 13.27
C LEU A 317 -16.76 -12.94 14.15
N GLN A 318 -16.97 -14.23 14.25
CA GLN A 318 -18.07 -14.85 15.03
C GLN A 318 -17.80 -16.35 15.11
N ASP A 319 -17.66 -16.86 16.33
CA ASP A 319 -17.34 -18.28 16.64
C ASP A 319 -16.15 -18.72 15.78
N GLY A 320 -16.32 -19.70 14.90
CA GLY A 320 -15.22 -20.13 14.02
C GLY A 320 -15.35 -19.60 12.60
N LEU A 321 -16.32 -18.70 12.34
CA LEU A 321 -16.54 -18.13 10.99
C LEU A 321 -15.33 -17.27 10.62
N ILE A 322 -15.06 -17.19 9.35
CA ILE A 322 -13.87 -16.43 8.89
C ILE A 322 -14.28 -15.54 7.73
N ALA A 323 -13.86 -14.27 7.78
CA ALA A 323 -14.25 -13.30 6.76
C ALA A 323 -13.70 -13.76 5.41
N SER A 324 -14.50 -13.55 4.38
CA SER A 324 -14.12 -13.79 2.98
C SER A 324 -13.49 -12.54 2.41
N LEU A 325 -12.67 -12.69 1.37
CA LEU A 325 -12.23 -11.50 0.62
C LEU A 325 -13.45 -10.84 -0.02
N TYR A 326 -13.37 -9.57 -0.27
CA TYR A 326 -14.38 -8.81 -1.02
C TYR A 326 -14.56 -9.53 -2.37
N ARG A 327 -15.81 -9.82 -2.74
CA ARG A 327 -16.09 -10.74 -3.86
C ARG A 327 -15.31 -10.38 -5.13
N PRO A 328 -15.26 -9.12 -5.60
CA PRO A 328 -14.58 -8.81 -6.85
C PRO A 328 -13.08 -9.12 -6.88
N GLU A 329 -12.45 -9.28 -5.72
CA GLU A 329 -11.01 -9.57 -5.69
C GLU A 329 -10.80 -10.97 -5.13
N ALA A 330 -11.83 -11.78 -4.89
CA ALA A 330 -11.69 -13.06 -4.14
C ALA A 330 -11.03 -14.16 -5.00
N ASP A 331 -11.03 -14.03 -6.32
CA ASP A 331 -10.42 -15.06 -7.21
C ASP A 331 -8.93 -14.81 -7.45
N LYS A 332 -8.34 -13.76 -6.90
CA LYS A 332 -6.93 -13.37 -7.17
C LYS A 332 -6.04 -14.36 -6.44
N VAL A 333 -6.61 -15.15 -5.55
CA VAL A 333 -5.84 -16.18 -4.80
C VAL A 333 -6.62 -17.49 -4.75
N ALA A 334 -5.91 -18.59 -4.86
CA ALA A 334 -6.44 -19.96 -4.69
C ALA A 334 -6.16 -20.38 -3.25
N ALA A 335 -7.02 -20.00 -2.32
CA ALA A 335 -6.79 -20.33 -0.89
C ALA A 335 -8.08 -20.83 -0.28
N ILE A 336 -7.93 -21.62 0.77
CA ILE A 336 -9.03 -22.24 1.54
C ILE A 336 -9.25 -21.33 2.76
N GLU A 337 -10.43 -20.74 2.93
CA GLU A 337 -10.71 -19.93 4.15
C GLU A 337 -10.37 -20.80 5.37
N GLY A 338 -9.56 -20.27 6.28
CA GLY A 338 -9.14 -20.98 7.50
C GLY A 338 -7.85 -21.76 7.36
N GLU A 339 -7.24 -21.90 6.19
CA GLU A 339 -6.02 -22.73 6.11
C GLU A 339 -4.89 -22.13 6.96
N PHE A 340 -4.93 -20.82 7.24
CA PHE A 340 -3.79 -20.15 7.92
C PHE A 340 -4.18 -19.76 9.33
N LYS A 341 -5.31 -20.25 9.84
CA LYS A 341 -5.72 -19.96 11.22
C LYS A 341 -4.73 -20.56 12.22
N LEU A 342 -4.18 -19.72 13.07
CA LEU A 342 -3.19 -20.14 14.08
C LEU A 342 -3.84 -20.27 15.45
N ARG A 343 -3.31 -21.21 16.23
CA ARG A 343 -3.61 -21.31 17.68
C ARG A 343 -3.14 -20.02 18.38
N THR A 344 -3.72 -19.71 19.53
CA THR A 344 -3.61 -18.41 20.23
C THR A 344 -2.13 -17.97 20.31
N GLU A 345 -1.25 -18.82 20.80
CA GLU A 345 0.16 -18.42 21.07
C GLU A 345 0.91 -18.20 19.75
N GLN A 346 0.70 -19.05 18.75
CA GLN A 346 1.35 -18.82 17.42
C GLN A 346 0.77 -17.56 16.79
N ARG A 347 -0.54 -17.32 16.92
CA ARG A 347 -1.13 -16.07 16.40
C ARG A 347 -0.48 -14.85 17.02
N LYS A 348 -0.25 -14.86 18.34
CA LYS A 348 0.37 -13.72 18.97
C LYS A 348 1.77 -13.48 18.37
N THR A 349 2.51 -14.55 18.13
CA THR A 349 3.86 -14.51 17.54
C THR A 349 3.77 -13.88 16.14
N PHE A 350 2.82 -14.39 15.38
CA PHE A 350 2.57 -13.89 14.00
C PHE A 350 2.37 -12.37 13.99
N VAL A 351 1.47 -11.91 14.86
CA VAL A 351 1.18 -10.48 15.02
C VAL A 351 2.44 -9.71 15.41
N GLU A 352 3.20 -10.19 16.38
CA GLU A 352 4.39 -9.41 16.82
C GLU A 352 5.44 -9.37 15.71
N LEU A 353 5.60 -10.45 14.97
CA LEU A 353 6.61 -10.47 13.88
C LEU A 353 6.24 -9.42 12.82
N MET A 354 4.94 -9.18 12.64
CA MET A 354 4.56 -8.10 11.69
C MET A 354 4.67 -6.73 12.35
N LYS A 355 4.17 -6.57 13.55
CA LYS A 355 4.02 -5.25 14.18
C LYS A 355 5.40 -4.73 14.63
N ARG A 356 6.05 -5.46 15.49
CA ARG A 356 7.38 -5.06 16.01
C ARG A 356 8.44 -5.54 15.03
N GLY A 357 8.29 -6.75 14.54
CA GLY A 357 9.32 -7.31 13.65
C GLY A 357 9.42 -6.58 12.32
N ASP A 358 8.32 -6.01 11.85
CA ASP A 358 8.24 -5.35 10.53
C ASP A 358 8.56 -6.36 9.43
N LEU A 359 8.22 -7.61 9.62
CA LEU A 359 8.41 -8.63 8.56
C LEU A 359 7.19 -8.65 7.66
N PRO A 360 7.38 -9.04 6.39
CA PRO A 360 6.25 -9.25 5.50
C PRO A 360 5.33 -10.31 6.10
N VAL A 361 4.04 -10.21 5.77
CA VAL A 361 3.04 -11.15 6.33
C VAL A 361 3.47 -12.61 6.08
N TRP A 362 3.80 -12.92 4.82
CA TRP A 362 4.14 -14.32 4.46
C TRP A 362 5.27 -14.84 5.34
N LEU A 363 6.32 -14.05 5.52
CA LEU A 363 7.48 -14.50 6.28
C LEU A 363 7.11 -14.64 7.76
N ALA A 364 6.38 -13.67 8.32
CA ALA A 364 5.86 -13.75 9.70
C ALA A 364 5.11 -15.05 9.90
N TYR A 365 4.26 -15.38 8.95
CA TYR A 365 3.46 -16.61 9.05
C TYR A 365 4.38 -17.83 9.07
N GLN A 366 5.37 -17.92 8.17
CA GLN A 366 6.25 -19.11 8.17
C GLN A 366 6.85 -19.29 9.55
N VAL A 367 7.37 -18.22 10.11
CA VAL A 367 8.11 -18.31 11.39
C VAL A 367 7.13 -18.70 12.50
N ALA A 368 5.99 -18.02 12.61
CA ALA A 368 5.03 -18.28 13.71
C ALA A 368 4.50 -19.72 13.55
N SER A 369 4.19 -20.15 12.34
CA SER A 369 3.56 -21.48 12.13
C SER A 369 4.58 -22.60 12.39
N ALA A 370 5.88 -22.29 12.33
CA ALA A 370 6.93 -23.25 12.69
C ALA A 370 7.07 -23.42 14.20
N GLY A 371 6.37 -22.62 15.01
CA GLY A 371 6.43 -22.74 16.48
C GLY A 371 7.63 -22.02 17.06
N ILE A 372 8.22 -21.12 16.29
CA ILE A 372 9.34 -20.24 16.71
C ILE A 372 8.79 -19.06 17.49
N THR A 373 9.44 -18.70 18.59
CA THR A 373 9.00 -17.51 19.35
C THR A 373 9.60 -16.23 18.79
N TYR A 374 9.03 -15.08 19.12
CA TYR A 374 9.34 -13.81 18.45
C TYR A 374 10.84 -13.50 18.55
N THR A 375 11.45 -13.71 19.71
CA THR A 375 12.87 -13.31 19.94
C THR A 375 13.88 -14.35 19.46
N ASP A 376 13.43 -15.49 18.97
CA ASP A 376 14.33 -16.60 18.58
C ASP A 376 14.73 -16.37 17.12
N ARG A 377 15.94 -15.92 16.86
CA ARG A 377 16.40 -15.50 15.54
C ARG A 377 17.28 -16.56 14.91
N ARG A 378 17.33 -17.78 15.48
CA ARG A 378 18.20 -18.82 14.88
C ARG A 378 17.86 -19.06 13.42
N TRP A 379 16.59 -18.97 13.07
CA TRP A 379 16.12 -19.23 11.69
C TRP A 379 16.71 -18.25 10.71
N CYS A 380 17.25 -17.11 11.17
CA CYS A 380 17.84 -16.13 10.24
C CYS A 380 19.15 -16.60 9.65
N PHE A 381 19.71 -17.69 10.21
CA PHE A 381 21.09 -18.10 9.93
C PHE A 381 21.15 -19.56 9.45
N ASP A 382 20.07 -20.34 9.49
CA ASP A 382 20.19 -21.82 9.33
C ASP A 382 19.51 -22.29 8.04
N GLY A 383 19.30 -21.40 7.09
CA GLY A 383 18.73 -21.73 5.77
C GLY A 383 19.70 -22.46 4.87
N THR A 384 19.23 -22.91 3.72
CA THR A 384 20.11 -23.50 2.68
C THR A 384 21.07 -22.44 2.12
N THR A 385 22.17 -22.85 1.50
CA THR A 385 23.19 -21.93 0.92
C THR A 385 22.55 -20.95 -0.07
N ASN A 386 21.57 -21.39 -0.85
CA ASN A 386 21.01 -20.53 -1.92
C ASN A 386 20.08 -19.48 -1.28
N ASN A 387 19.81 -19.57 0.04
CA ASN A 387 19.05 -18.51 0.77
C ASN A 387 19.99 -17.43 1.29
N THR A 388 21.28 -17.51 0.98
CA THR A 388 22.25 -16.51 1.43
C THR A 388 21.83 -15.15 0.87
N ILE A 389 21.72 -14.14 1.71
CA ILE A 389 21.41 -12.77 1.25
C ILE A 389 22.74 -12.08 0.91
N MET A 390 22.77 -11.43 -0.22
CA MET A 390 23.98 -10.76 -0.71
C MET A 390 23.82 -9.26 -0.54
N GLU A 391 24.93 -8.58 -0.18
N GLU A 391 24.95 -8.61 -0.22
CA GLU A 391 25.03 -7.09 -0.12
CA GLU A 391 25.11 -7.13 -0.07
C GLU A 391 26.32 -6.69 -0.85
C GLU A 391 26.35 -6.72 -0.88
N ASP A 392 26.18 -6.02 -2.00
CA ASP A 392 27.31 -5.67 -2.93
C ASP A 392 28.06 -6.94 -3.36
N SER A 393 27.33 -7.99 -3.73
CA SER A 393 27.84 -9.24 -4.34
C SER A 393 28.73 -10.04 -3.38
N VAL A 394 28.66 -9.79 -2.06
CA VAL A 394 29.29 -10.60 -0.98
C VAL A 394 28.18 -11.01 -0.01
N PRO A 395 28.23 -12.17 0.68
CA PRO A 395 27.18 -12.50 1.64
C PRO A 395 27.05 -11.38 2.68
N ALA A 396 25.81 -11.01 3.02
CA ALA A 396 25.53 -10.04 4.10
C ALA A 396 25.90 -10.73 5.43
N GLU A 397 26.44 -9.97 6.37
CA GLU A 397 26.90 -10.55 7.65
C GLU A 397 26.36 -9.69 8.78
N VAL A 398 26.00 -10.33 9.89
CA VAL A 398 25.57 -9.56 11.08
C VAL A 398 26.28 -10.16 12.28
N TRP A 399 26.35 -9.37 13.35
CA TRP A 399 26.73 -9.95 14.64
C TRP A 399 25.43 -10.39 15.31
N THR A 400 25.36 -11.65 15.66
CA THR A 400 24.15 -12.20 16.31
C THR A 400 24.07 -11.63 17.72
N LYS A 401 22.94 -11.84 18.35
CA LYS A 401 22.71 -11.42 19.74
C LYS A 401 23.70 -12.13 20.68
N TYR A 402 24.36 -13.18 20.24
CA TYR A 402 25.36 -13.96 21.01
C TYR A 402 26.74 -13.33 20.85
N GLY A 403 26.90 -12.42 19.92
CA GLY A 403 28.15 -11.73 19.57
C GLY A 403 28.99 -12.53 18.60
N GLU A 404 28.40 -13.39 17.78
CA GLU A 404 29.08 -14.18 16.73
C GLU A 404 28.81 -13.49 15.37
N LYS A 405 29.81 -13.36 14.50
CA LYS A 405 29.55 -12.86 13.13
C LYS A 405 29.03 -14.04 12.31
N ARG A 406 27.87 -13.89 11.68
CA ARG A 406 27.28 -14.95 10.85
C ARG A 406 26.77 -14.35 9.55
N VAL A 407 26.80 -15.20 8.54
CA VAL A 407 26.18 -14.92 7.24
C VAL A 407 24.67 -14.99 7.42
N LEU A 408 24.02 -14.02 6.84
CA LEU A 408 22.54 -13.97 6.82
C LEU A 408 22.02 -14.95 5.77
N LYS A 409 21.28 -15.94 6.21
CA LYS A 409 20.88 -17.12 5.42
C LYS A 409 19.59 -17.65 6.02
N PRO A 410 18.49 -16.90 5.78
CA PRO A 410 17.23 -17.21 6.46
C PRO A 410 16.66 -18.53 5.98
N ARG A 411 16.02 -19.22 6.92
CA ARG A 411 15.38 -20.54 6.67
C ARG A 411 14.31 -20.38 5.58
N TRP A 412 13.61 -19.24 5.59
CA TRP A 412 12.61 -18.87 4.58
C TRP A 412 13.09 -17.58 3.96
N MET A 413 13.14 -17.55 2.63
CA MET A 413 13.66 -16.41 1.88
C MET A 413 12.45 -15.65 1.33
N ASP A 414 12.31 -14.41 1.77
CA ASP A 414 11.33 -13.46 1.23
C ASP A 414 12.09 -12.28 0.68
N ALA A 415 12.14 -12.13 -0.62
CA ALA A 415 12.90 -11.08 -1.36
C ALA A 415 12.58 -9.68 -0.85
N ARG A 416 11.42 -9.47 -0.26
CA ARG A 416 11.08 -8.12 0.27
C ARG A 416 11.99 -7.72 1.42
N VAL A 417 12.63 -8.65 2.11
CA VAL A 417 13.49 -8.23 3.24
C VAL A 417 14.82 -7.67 2.72
N CYS A 418 15.11 -7.76 1.43
CA CYS A 418 16.41 -7.26 0.91
C CYS A 418 16.19 -6.62 -0.48
N SER A 419 15.01 -6.03 -0.72
CA SER A 419 14.62 -5.41 -2.02
C SER A 419 15.41 -4.11 -2.27
N ASP A 420 15.96 -3.53 -1.21
CA ASP A 420 16.74 -2.29 -1.33
C ASP A 420 17.59 -2.18 -0.08
N HIS A 421 18.50 -1.21 -0.07
CA HIS A 421 19.48 -1.11 1.02
C HIS A 421 18.74 -0.92 2.36
N ALA A 422 17.68 -0.09 2.42
CA ALA A 422 16.94 0.17 3.67
C ALA A 422 16.28 -1.12 4.17
N ALA A 423 15.66 -1.87 3.28
CA ALA A 423 15.00 -3.14 3.68
C ALA A 423 16.06 -4.04 4.31
N LEU A 424 17.19 -4.23 3.63
CA LEU A 424 18.22 -5.17 4.13
C LEU A 424 18.78 -4.65 5.46
N LYS A 425 18.96 -3.34 5.58
CA LYS A 425 19.44 -2.80 6.88
C LYS A 425 18.46 -3.18 8.00
N SER A 426 17.16 -3.03 7.77
CA SER A 426 16.13 -3.39 8.77
C SER A 426 16.21 -4.88 9.10
N PHE A 427 16.32 -5.72 8.09
CA PHE A 427 16.33 -7.17 8.31
C PHE A 427 17.60 -7.58 9.07
N LYS A 428 18.76 -6.96 8.76
CA LYS A 428 19.99 -7.23 9.51
C LYS A 428 19.79 -6.89 10.99
N GLU A 429 19.11 -5.80 11.26
CA GLU A 429 18.87 -5.38 12.66
C GLU A 429 17.97 -6.42 13.34
N PHE A 430 16.95 -6.89 12.62
CA PHE A 430 16.09 -7.98 13.12
C PHE A 430 16.90 -9.22 13.43
N ALA A 431 17.73 -9.67 12.48
CA ALA A 431 18.50 -10.92 12.63
C ALA A 431 19.45 -10.82 13.84
N ALA A 432 19.92 -9.61 14.09
CA ALA A 432 20.82 -9.32 15.24
C ALA A 432 20.10 -9.25 16.59
N GLY A 433 18.79 -9.34 16.63
CA GLY A 433 18.03 -9.21 17.87
C GLY A 433 17.84 -7.79 18.32
N LYS A 434 17.91 -6.81 17.44
CA LYS A 434 17.90 -5.40 17.86
C LYS A 434 16.48 -4.85 17.96
N ARG A 435 15.48 -5.65 17.64
CA ARG A 435 14.07 -5.31 17.92
C ARG A 435 13.26 -6.58 17.99
C1 EDO B . 1.82 2.86 3.61
O1 EDO B . 2.38 1.59 3.43
C2 EDO B . 2.86 3.88 3.91
O2 EDO B . 2.55 4.61 5.09
P PO4 C . -11.27 12.47 -5.54
O1 PO4 C . -11.13 12.09 -4.03
O2 PO4 C . -12.55 11.89 -6.16
O3 PO4 C . -10.03 11.93 -6.33
O4 PO4 C . -11.32 14.04 -5.63
P PO4 D . 6.83 -4.23 -2.22
O1 PO4 D . 6.85 -4.88 -0.83
O2 PO4 D . 8.25 -4.21 -2.80
O3 PO4 D . 5.90 -5.04 -3.15
O4 PO4 D . 6.31 -2.79 -2.09
C1 MPD E . -0.38 -6.28 8.30
C2 MPD E . -0.18 -5.38 9.50
O2 MPD E . 1.21 -4.99 9.45
CM MPD E . -1.04 -4.14 9.39
C3 MPD E . -0.50 -6.14 10.79
C4 MPD E . 0.39 -6.01 11.98
O4 MPD E . 1.23 -4.86 12.01
C5 MPD E . -0.28 -6.35 13.27
C4 UQV F . -8.40 6.33 20.66
C5 UQV F . -7.32 5.51 20.39
C6 UQV F . -6.14 6.03 19.91
C7 UQV F . -5.98 7.40 19.68
C8 UQV F . -4.69 7.96 19.13
N UQV F . -7.14 9.69 19.92
C UQV F . -4.88 10.16 21.00
O UQV F . -6.52 11.75 20.68
C1 UQV F . -6.20 10.61 20.48
C2 UQV F . -7.10 8.25 19.98
C3 UQV F . -8.29 7.69 20.46
C9 UQV F . -3.90 7.16 18.15
O1 UQV F . -2.80 7.47 17.75
O2 UQV F . -4.45 6.02 17.71
#